data_8X8Q
#
_entry.id   8X8Q
#
_cell.length_a   1.00
_cell.length_b   1.00
_cell.length_c   1.00
_cell.angle_alpha   90.00
_cell.angle_beta   90.00
_cell.angle_gamma   90.00
#
_symmetry.space_group_name_H-M   'P 1'
#
loop_
_entity.id
_entity.type
_entity.pdbx_description
1 polymer 'Actin-histidine N-methyltransferase'
2 polymer '2A protein (Fragment)'
3 non-polymer 'ZINC ION'
#
loop_
_entity_poly.entity_id
_entity_poly.type
_entity_poly.pdbx_seq_one_letter_code
_entity_poly.pdbx_strand_id
1 'polypeptide(L)'
;MGKKSRVKTQKSGTGATATVSPKEILNLTSELLQKCSSPAPGPGKEWEEYVQIRTLVEKIRKKQKGLSVTFDGKREDYFP
DLMKWASENGASVEGFEMVNFKEEGFGLRATRDIKAEELFLWVPRKLLMTVESAKNSVLGPLYSQDRILQAMGNIALAFH
LLCERASPNSFWQPYIQTLPSEYDTPLYFEEDEVRYLQSTQAIHDVFSQYKNTARQYAYFYKVIQTHPHANKLPLKDSFT
YEDYRWAVSSVMTRQNQIPTEDGSRVTLALIPLWDMCNHTNGLITTGYNLEDDRCECVALQDFRAGEQIYIFYGTRSNAE
FVIHSGFFFDNNSHDRVKIKLGVSKSDRLYAMKAEVLARAGIPTSSVFALHFTEPPISAQLLAFLRVFCMTEEELKEHLL
GDSAIDRIFTLGNSEFPVSWDNEVKLWTFLEDRASLLLKTYKTTIEEDKSVLKNHDLSVRAKMAIKLRLGEKEILEKAVK
SAAVNREYYRQQMEEKAPLPKYEESNLGLLESSVGDSRLPLVLRNLEEEAGVQDALNIREAISKAKATENGLVNGENSIP
NGTRSENESLNQESKRAVEDAKGSSSDSTAGVKE
;
B
2 'polypeptide(L)'
;GKFGQQSGAIYVGNFRVVNRHLATHNDWANLVWEDSSRDLLVSSTTAQGCDTIARCNCQTGVYYCNSRRKHYPVSFSKPS
LIYVEASEYYPARYQSHLMLAQGHSEPGDAGGILRCQHGVVGIVSTGGNGLVGFADVRDLLWLDEEAMEQ
;
F
#
loop_
_chem_comp.id
_chem_comp.type
_chem_comp.name
_chem_comp.formula
ZN non-polymer 'ZINC ION' 'Zn 2'
#
# COMPACT_ATOMS: atom_id res chain seq x y z
N SER A 21 6.35 39.73 -0.26
CA SER A 21 6.85 38.59 -1.00
C SER A 21 8.37 38.67 -1.16
N PRO A 22 9.10 38.16 -0.17
CA PRO A 22 10.56 38.20 -0.23
C PRO A 22 11.09 37.33 -1.35
N LYS A 23 12.25 37.73 -1.90
CA LYS A 23 12.89 37.00 -2.97
C LYS A 23 13.95 36.02 -2.50
N GLU A 24 14.36 36.12 -1.23
CA GLU A 24 15.35 35.19 -0.70
C GLU A 24 14.83 33.76 -0.70
N ILE A 25 13.56 33.58 -0.35
CA ILE A 25 12.97 32.24 -0.32
C ILE A 25 13.02 31.60 -1.69
N LEU A 26 12.83 32.40 -2.75
CA LEU A 26 12.89 31.85 -4.11
C LEU A 26 14.26 31.26 -4.39
N ASN A 27 15.33 31.98 -4.03
CA ASN A 27 16.68 31.46 -4.24
C ASN A 27 16.93 30.22 -3.37
N LEU A 28 16.44 30.22 -2.14
CA LEU A 28 16.62 29.05 -1.29
C LEU A 28 15.96 27.81 -1.90
N THR A 29 14.72 27.96 -2.38
CA THR A 29 14.06 26.83 -3.03
C THR A 29 14.78 26.42 -4.31
N SER A 30 15.28 27.38 -5.07
CA SER A 30 16.02 27.04 -6.29
C SER A 30 17.26 26.21 -5.95
N GLU A 31 18.03 26.65 -4.96
CA GLU A 31 19.22 25.89 -4.55
C GLU A 31 18.84 24.51 -4.03
N LEU A 32 17.76 24.42 -3.26
CA LEU A 32 17.30 23.13 -2.75
C LEU A 32 16.95 22.20 -3.89
N LEU A 33 16.20 22.71 -4.88
CA LEU A 33 15.82 21.88 -6.02
C LEU A 33 17.05 21.43 -6.79
N GLN A 34 18.02 22.33 -6.95
CA GLN A 34 19.24 21.97 -7.68
C GLN A 34 19.99 20.86 -6.96
N LYS A 35 20.12 20.96 -5.63
CA LYS A 35 20.85 19.93 -4.88
C LYS A 35 20.13 18.59 -4.88
N CYS A 36 18.84 18.59 -4.53
CA CYS A 36 18.11 17.32 -4.45
C CYS A 36 17.82 16.70 -5.81
N SER A 37 17.92 17.45 -6.90
CA SER A 37 17.64 16.90 -8.22
C SER A 37 18.66 15.86 -8.66
N SER A 38 19.80 15.78 -8.00
CA SER A 38 20.82 14.80 -8.37
C SER A 38 20.38 13.40 -7.94
N PRO A 39 20.91 12.35 -8.58
CA PRO A 39 20.54 10.99 -8.19
C PRO A 39 21.08 10.63 -6.81
N ALA A 40 20.75 9.45 -6.30
CA ALA A 40 21.22 9.06 -4.99
C ALA A 40 22.75 8.99 -4.99
N PRO A 41 23.42 9.70 -4.08
CA PRO A 41 24.89 9.68 -4.08
C PRO A 41 25.50 8.31 -3.82
N GLY A 42 24.86 7.48 -3.00
CA GLY A 42 25.40 6.16 -2.70
C GLY A 42 25.41 5.83 -1.22
N PRO A 43 26.13 4.77 -0.85
CA PRO A 43 26.21 4.39 0.56
C PRO A 43 27.24 5.23 1.32
N GLY A 44 26.91 5.50 2.58
CA GLY A 44 27.76 6.32 3.45
C GLY A 44 27.56 7.82 3.33
N LYS A 45 27.49 8.33 2.10
CA LYS A 45 27.29 9.75 1.83
C LYS A 45 25.81 10.14 1.78
N GLU A 46 24.90 9.17 1.82
CA GLU A 46 23.49 9.50 1.93
C GLU A 46 23.23 10.30 3.20
N TRP A 47 23.93 9.97 4.29
CA TRP A 47 23.77 10.72 5.53
C TRP A 47 24.20 12.18 5.35
N GLU A 48 25.33 12.42 4.70
CA GLU A 48 25.78 13.80 4.51
C GLU A 48 24.82 14.56 3.62
N GLU A 49 24.28 13.92 2.57
CA GLU A 49 23.30 14.62 1.74
C GLU A 49 22.03 14.92 2.54
N TYR A 50 21.61 13.97 3.38
CA TYR A 50 20.45 14.20 4.24
C TYR A 50 20.66 15.39 5.16
N VAL A 51 21.82 15.48 5.82
CA VAL A 51 22.01 16.62 6.71
C VAL A 51 22.09 17.92 5.91
N GLN A 52 22.69 17.89 4.72
CA GLN A 52 22.74 19.11 3.89
C GLN A 52 21.33 19.60 3.56
N ILE A 53 20.47 18.70 3.08
CA ILE A 53 19.12 19.12 2.73
C ILE A 53 18.33 19.51 3.97
N ARG A 54 18.56 18.80 5.09
CA ARG A 54 17.84 19.18 6.30
C ARG A 54 18.26 20.57 6.76
N THR A 55 19.53 20.93 6.57
CA THR A 55 19.98 22.27 6.90
C THR A 55 19.24 23.30 6.09
N LEU A 56 19.13 23.07 4.78
CA LEU A 56 18.38 24.03 3.95
C LEU A 56 16.92 24.11 4.37
N VAL A 57 16.30 22.95 4.64
CA VAL A 57 14.90 22.93 5.06
C VAL A 57 14.72 23.72 6.36
N GLU A 58 15.61 23.49 7.32
CA GLU A 58 15.51 24.17 8.61
C GLU A 58 15.70 25.69 8.45
N LYS A 59 16.69 26.11 7.65
CA LYS A 59 16.89 27.55 7.51
C LYS A 59 15.67 28.20 6.88
N ILE A 60 15.09 27.59 5.83
CA ILE A 60 13.89 28.19 5.25
C ILE A 60 12.73 28.14 6.24
N ARG A 61 12.64 27.08 7.05
CA ARG A 61 11.55 26.98 8.04
C ARG A 61 11.62 28.10 9.06
N LYS A 62 12.81 28.38 9.58
CA LYS A 62 12.94 29.53 10.48
C LYS A 62 12.95 30.87 9.74
N LYS A 63 13.04 30.86 8.42
CA LYS A 63 12.88 32.09 7.66
C LYS A 63 11.43 32.40 7.35
N GLN A 64 10.51 31.50 7.68
CA GLN A 64 9.09 31.68 7.41
C GLN A 64 8.32 31.69 8.72
N LYS A 65 7.05 32.12 8.63
CA LYS A 65 6.18 32.17 9.80
C LYS A 65 5.56 30.82 10.13
N GLY A 66 5.68 29.85 9.26
CA GLY A 66 5.11 28.52 9.50
C GLY A 66 3.66 28.45 9.04
N LEU A 67 2.76 28.06 9.95
CA LEU A 67 1.35 27.92 9.62
C LEU A 67 0.76 29.24 9.14
N SER A 68 0.36 29.30 7.87
CA SER A 68 -0.19 30.54 7.31
C SER A 68 -1.48 30.93 8.02
N VAL A 69 -2.37 29.97 8.24
CA VAL A 69 -3.64 30.20 8.92
C VAL A 69 -3.66 29.36 10.18
N THR A 70 -3.88 30.00 11.32
CA THR A 70 -3.89 29.32 12.61
C THR A 70 -5.20 29.61 13.31
N PHE A 71 -5.85 28.55 13.80
CA PHE A 71 -7.09 28.70 14.53
C PHE A 71 -6.83 29.26 15.92
N ASP A 72 -7.68 30.21 16.33
CA ASP A 72 -7.50 30.84 17.64
C ASP A 72 -7.63 29.83 18.78
N GLY A 73 -8.59 28.91 18.68
CA GLY A 73 -8.81 27.92 19.71
C GLY A 73 -7.97 26.68 19.51
N LYS A 74 -8.26 25.68 20.34
CA LYS A 74 -7.56 24.40 20.29
C LYS A 74 -8.35 23.40 19.46
N ARG A 75 -7.71 22.27 19.18
CA ARG A 75 -8.33 21.24 18.34
C ARG A 75 -9.65 20.77 18.92
N GLU A 76 -9.69 20.45 20.22
CA GLU A 76 -10.87 19.87 20.83
C GLU A 76 -12.06 20.82 20.87
N ASP A 77 -11.85 22.11 20.61
CA ASP A 77 -12.93 23.10 20.70
C ASP A 77 -13.80 23.14 19.44
N TYR A 78 -13.41 22.46 18.37
CA TYR A 78 -14.13 22.51 17.10
C TYR A 78 -14.90 21.24 16.79
N PHE A 79 -14.77 20.19 17.60
CA PHE A 79 -15.50 18.96 17.34
C PHE A 79 -17.02 19.16 17.27
N PRO A 80 -17.66 19.93 18.17
CA PRO A 80 -19.09 20.19 18.00
C PRO A 80 -19.42 20.81 16.65
N ASP A 81 -18.52 21.63 16.12
CA ASP A 81 -18.74 22.18 14.78
C ASP A 81 -18.82 21.05 13.75
N LEU A 82 -17.94 20.06 13.85
CA LEU A 82 -18.03 18.90 12.96
C LEU A 82 -19.36 18.19 13.13
N MET A 83 -19.78 17.98 14.37
CA MET A 83 -21.04 17.27 14.61
C MET A 83 -22.21 18.01 13.96
N LYS A 84 -22.33 19.32 14.22
CA LYS A 84 -23.43 20.07 13.63
C LYS A 84 -23.35 20.11 12.11
N TRP A 85 -22.14 20.34 11.56
CA TRP A 85 -22.00 20.46 10.12
C TRP A 85 -22.33 19.16 9.40
N ALA A 86 -21.85 18.02 9.94
CA ALA A 86 -22.16 16.74 9.34
C ALA A 86 -23.62 16.37 9.50
N SER A 87 -24.20 16.67 10.67
CA SER A 87 -25.61 16.36 10.89
C SER A 87 -26.51 17.07 9.89
N GLU A 88 -26.17 18.31 9.54
CA GLU A 88 -26.95 19.04 8.54
C GLU A 88 -26.91 18.39 7.15
N ASN A 89 -25.92 17.55 6.87
CA ASN A 89 -25.76 16.96 5.55
C ASN A 89 -25.99 15.46 5.53
N GLY A 90 -26.48 14.88 6.62
CA GLY A 90 -26.82 13.47 6.64
C GLY A 90 -25.72 12.52 7.02
N ALA A 91 -24.66 13.01 7.65
CA ALA A 91 -23.56 12.17 8.12
C ALA A 91 -23.80 11.79 9.58
N SER A 92 -23.80 10.50 9.87
CA SER A 92 -24.10 10.03 11.22
C SER A 92 -23.18 10.67 12.25
N VAL A 93 -23.77 11.22 13.30
CA VAL A 93 -23.04 11.82 14.40
C VAL A 93 -23.56 11.28 15.72
N GLU A 94 -24.16 10.09 15.69
CA GLU A 94 -24.76 9.48 16.86
C GLU A 94 -24.15 8.11 17.08
N GLY A 95 -23.99 7.74 18.35
CA GLY A 95 -23.37 6.49 18.72
C GLY A 95 -21.90 6.58 19.08
N PHE A 96 -21.32 7.78 19.08
CA PHE A 96 -19.92 7.95 19.43
C PHE A 96 -19.70 9.39 19.89
N GLU A 97 -18.53 9.62 20.49
CA GLU A 97 -18.18 10.93 20.99
C GLU A 97 -16.67 11.05 20.94
N MET A 98 -16.19 12.30 20.93
CA MET A 98 -14.79 12.59 20.70
C MET A 98 -14.02 12.68 22.01
N VAL A 99 -12.93 11.92 22.13
CA VAL A 99 -12.10 11.91 23.33
C VAL A 99 -10.64 11.84 22.90
N ASN A 100 -9.77 12.42 23.72
CA ASN A 100 -8.32 12.41 23.49
C ASN A 100 -7.69 11.26 24.28
N PHE A 101 -7.52 10.13 23.61
CA PHE A 101 -6.87 8.99 24.23
C PHE A 101 -5.37 9.21 24.33
N LYS A 102 -4.79 8.88 25.48
CA LYS A 102 -3.38 9.15 25.70
C LYS A 102 -2.48 8.38 24.73
N GLU A 103 -2.79 7.12 24.48
CA GLU A 103 -1.87 6.27 23.73
C GLU A 103 -1.87 6.54 22.22
N GLU A 104 -3.00 6.93 21.62
CA GLU A 104 -3.01 7.29 20.20
C GLU A 104 -3.49 8.72 19.93
N GLY A 105 -3.69 9.53 20.96
CA GLY A 105 -4.19 10.87 20.73
C GLY A 105 -5.71 10.90 20.60
N PHE A 106 -6.20 11.85 19.80
CA PHE A 106 -7.63 12.01 19.59
C PHE A 106 -8.22 10.84 18.82
N GLY A 107 -9.46 10.50 19.17
CA GLY A 107 -10.16 9.42 18.51
C GLY A 107 -11.65 9.49 18.81
N LEU A 108 -12.34 8.41 18.47
CA LEU A 108 -13.78 8.28 18.67
C LEU A 108 -14.05 7.31 19.82
N ARG A 109 -14.86 7.74 20.77
CA ARG A 109 -15.28 6.90 21.89
C ARG A 109 -16.77 6.63 21.75
N ALA A 110 -17.14 5.34 21.69
CA ALA A 110 -18.52 4.94 21.50
C ALA A 110 -19.40 5.32 22.68
N THR A 111 -20.56 5.92 22.39
CA THR A 111 -21.51 6.29 23.42
C THR A 111 -22.54 5.20 23.71
N ARG A 112 -22.47 4.06 23.04
CA ARG A 112 -23.43 2.98 23.26
C ARG A 112 -22.80 1.65 22.85
N ASP A 113 -23.60 0.59 22.93
CA ASP A 113 -23.12 -0.74 22.62
C ASP A 113 -23.22 -0.98 21.12
N ILE A 114 -22.09 -1.33 20.50
CA ILE A 114 -22.02 -1.61 19.07
C ILE A 114 -21.61 -3.06 18.90
N LYS A 115 -22.44 -3.84 18.21
CA LYS A 115 -22.14 -5.23 17.94
C LYS A 115 -21.33 -5.37 16.66
N ALA A 116 -20.84 -6.58 16.41
CA ALA A 116 -20.05 -6.83 15.21
C ALA A 116 -20.89 -6.60 13.97
N GLU A 117 -20.26 -6.07 12.92
CA GLU A 117 -20.84 -5.78 11.61
C GLU A 117 -21.82 -4.61 11.66
N GLU A 118 -22.05 -4.03 12.85
CA GLU A 118 -23.01 -2.94 12.99
C GLU A 118 -22.54 -1.70 12.25
N LEU A 119 -23.44 -1.13 11.45
CA LEU A 119 -23.16 0.07 10.66
C LEU A 119 -23.51 1.30 11.48
N PHE A 120 -22.50 1.97 12.03
CA PHE A 120 -22.70 3.18 12.82
C PHE A 120 -22.11 4.41 12.15
N LEU A 121 -21.62 4.31 10.91
CA LEU A 121 -21.02 5.45 10.24
C LEU A 121 -21.42 5.47 8.78
N TRP A 122 -21.81 6.66 8.29
CA TRP A 122 -22.06 6.86 6.87
C TRP A 122 -21.92 8.34 6.56
N VAL A 123 -21.13 8.67 5.55
CA VAL A 123 -20.89 10.05 5.15
C VAL A 123 -21.18 10.24 3.66
N PRO A 124 -22.11 11.12 3.29
CA PRO A 124 -22.35 11.37 1.86
C PRO A 124 -21.12 11.94 1.18
N ARG A 125 -20.99 11.70 -0.11
CA ARG A 125 -19.75 12.21 -0.74
C ARG A 125 -19.76 13.73 -0.65
N LYS A 126 -20.93 14.35 -0.71
CA LYS A 126 -20.92 15.82 -0.74
C LYS A 126 -19.87 16.26 0.28
N LEU A 127 -19.79 15.56 1.40
CA LEU A 127 -18.85 15.94 2.45
C LEU A 127 -17.42 15.58 2.08
N LEU A 128 -17.24 14.50 1.33
CA LEU A 128 -15.92 13.97 1.05
C LEU A 128 -15.10 14.94 0.19
N MET A 129 -13.78 14.88 0.37
CA MET A 129 -12.84 15.74 -0.34
C MET A 129 -12.06 14.88 -1.31
N THR A 130 -12.19 15.17 -2.61
CA THR A 130 -11.69 14.30 -3.67
C THR A 130 -10.94 15.11 -4.70
N VAL A 131 -10.13 14.40 -5.50
CA VAL A 131 -9.38 15.04 -6.58
C VAL A 131 -10.34 15.66 -7.59
N GLU A 132 -11.47 14.99 -7.86
CA GLU A 132 -12.47 15.54 -8.75
C GLU A 132 -13.05 16.83 -8.19
N SER A 133 -13.29 16.85 -6.88
CA SER A 133 -13.75 18.09 -6.25
C SER A 133 -12.73 19.20 -6.42
N ALA A 134 -11.44 18.86 -6.30
CA ALA A 134 -10.39 19.85 -6.53
C ALA A 134 -10.43 20.36 -7.96
N LYS A 135 -10.62 19.45 -8.92
CA LYS A 135 -10.79 19.87 -10.32
C LYS A 135 -11.98 20.80 -10.48
N ASN A 136 -13.03 20.60 -9.68
CA ASN A 136 -14.16 21.51 -9.67
C ASN A 136 -13.96 22.70 -8.74
N SER A 137 -12.85 22.74 -8.02
CA SER A 137 -12.54 23.86 -7.13
C SER A 137 -11.80 24.94 -7.90
N VAL A 138 -11.41 26.01 -7.19
CA VAL A 138 -10.63 27.08 -7.77
C VAL A 138 -9.25 26.63 -8.23
N LEU A 139 -8.85 25.40 -7.89
CA LEU A 139 -7.52 24.86 -8.30
C LEU A 139 -7.60 24.30 -9.71
N GLY A 140 -8.78 24.21 -10.27
CA GLY A 140 -8.94 23.64 -11.58
C GLY A 140 -8.06 24.22 -12.68
N PRO A 141 -7.90 25.54 -12.77
CA PRO A 141 -6.97 26.10 -13.77
C PRO A 141 -5.56 25.58 -13.62
N LEU A 142 -5.07 25.41 -12.40
CA LEU A 142 -3.73 24.89 -12.19
C LEU A 142 -3.68 23.39 -12.48
N TYR A 143 -4.72 22.66 -12.07
CA TYR A 143 -4.78 21.23 -12.37
C TYR A 143 -4.78 20.97 -13.86
N SER A 144 -5.38 21.87 -14.65
CA SER A 144 -5.48 21.66 -16.09
C SER A 144 -4.11 21.58 -16.77
N GLN A 145 -3.18 22.46 -16.37
CA GLN A 145 -1.92 22.58 -17.10
C GLN A 145 -0.76 21.83 -16.47
N ASP A 146 -0.76 21.63 -15.17
CA ASP A 146 0.39 21.02 -14.50
C ASP A 146 0.19 19.51 -14.51
N ARG A 147 1.20 18.79 -15.02
CA ARG A 147 1.15 17.34 -15.11
C ARG A 147 1.37 16.66 -13.76
N ILE A 148 2.19 17.24 -12.90
CA ILE A 148 2.54 16.60 -11.62
C ILE A 148 1.29 16.35 -10.79
N LEU A 149 0.41 17.36 -10.68
CA LEU A 149 -0.85 17.14 -9.97
C LEU A 149 -1.68 16.08 -10.66
N GLN A 150 -1.68 16.08 -12.00
CA GLN A 150 -2.42 15.08 -12.75
C GLN A 150 -1.97 13.66 -12.42
N ALA A 151 -0.69 13.46 -12.09
CA ALA A 151 -0.22 12.10 -11.92
C ALA A 151 -0.67 11.50 -10.59
N MET A 152 -0.21 12.07 -9.48
CA MET A 152 -0.54 11.56 -8.15
C MET A 152 -1.82 12.22 -7.64
N GLY A 153 -2.79 11.39 -7.24
CA GLY A 153 -4.00 11.92 -6.62
C GLY A 153 -3.74 12.58 -5.26
N ASN A 154 -2.86 11.99 -4.45
CA ASN A 154 -2.63 12.50 -3.11
C ASN A 154 -2.08 13.93 -3.14
N ILE A 155 -1.19 14.23 -4.08
CA ILE A 155 -0.60 15.57 -4.15
C ILE A 155 -1.66 16.62 -4.47
N ALA A 156 -2.51 16.33 -5.47
CA ALA A 156 -3.58 17.26 -5.83
C ALA A 156 -4.57 17.41 -4.68
N LEU A 157 -4.89 16.31 -4.00
CA LEU A 157 -5.79 16.37 -2.85
C LEU A 157 -5.19 17.23 -1.75
N ALA A 158 -3.88 17.12 -1.52
CA ALA A 158 -3.21 17.92 -0.52
C ALA A 158 -3.29 19.40 -0.87
N PHE A 159 -3.07 19.74 -2.14
CA PHE A 159 -3.20 21.14 -2.53
C PHE A 159 -4.63 21.62 -2.41
N HIS A 160 -5.60 20.76 -2.68
CA HIS A 160 -7.00 21.13 -2.46
C HIS A 160 -7.24 21.44 -1.00
N LEU A 161 -6.69 20.61 -0.10
CA LEU A 161 -6.84 20.86 1.33
C LEU A 161 -6.21 22.18 1.72
N LEU A 162 -5.01 22.47 1.20
CA LEU A 162 -4.36 23.74 1.51
C LEU A 162 -5.17 24.92 1.01
N CYS A 163 -5.69 24.82 -0.21
CA CYS A 163 -6.48 25.92 -0.77
C CYS A 163 -7.75 26.15 0.02
N GLU A 164 -8.41 25.07 0.45
CA GLU A 164 -9.62 25.20 1.24
C GLU A 164 -9.33 25.70 2.66
N ARG A 165 -8.12 25.47 3.17
CA ARG A 165 -7.81 25.89 4.53
C ARG A 165 -7.77 27.41 4.65
N ALA A 166 -7.30 28.11 3.62
CA ALA A 166 -7.15 29.56 3.68
C ALA A 166 -8.43 30.30 3.35
N SER A 167 -9.51 29.59 3.01
CA SER A 167 -10.77 30.21 2.64
C SER A 167 -11.73 30.14 3.81
N PRO A 168 -12.04 31.25 4.49
CA PRO A 168 -13.02 31.20 5.58
C PRO A 168 -14.40 30.73 5.14
N ASN A 169 -14.82 31.05 3.92
CA ASN A 169 -16.09 30.58 3.38
C ASN A 169 -15.91 29.28 2.59
N SER A 170 -15.38 28.28 3.29
CA SER A 170 -15.11 26.97 2.70
C SER A 170 -16.13 25.95 3.21
N PHE A 171 -16.70 25.18 2.29
CA PHE A 171 -17.67 24.17 2.67
C PHE A 171 -17.07 23.11 3.57
N TRP A 172 -15.76 22.87 3.45
CA TRP A 172 -15.07 21.90 4.28
C TRP A 172 -14.26 22.54 5.40
N GLN A 173 -14.41 23.84 5.61
CA GLN A 173 -13.66 24.52 6.67
C GLN A 173 -13.87 23.89 8.04
N PRO A 174 -15.09 23.51 8.48
CA PRO A 174 -15.21 22.80 9.76
C PRO A 174 -14.34 21.55 9.84
N TYR A 175 -14.23 20.79 8.75
CA TYR A 175 -13.33 19.64 8.74
C TYR A 175 -11.89 20.07 8.97
N ILE A 176 -11.46 21.12 8.28
CA ILE A 176 -10.08 21.59 8.39
C ILE A 176 -9.79 22.08 9.81
N GLN A 177 -10.81 22.61 10.49
CA GLN A 177 -10.62 23.16 11.83
C GLN A 177 -9.98 22.14 12.78
N THR A 178 -10.48 20.91 12.76
CA THR A 178 -10.12 19.90 13.75
C THR A 178 -8.85 19.13 13.40
N LEU A 179 -8.31 19.30 12.19
CA LEU A 179 -7.12 18.56 11.81
C LEU A 179 -5.96 18.93 12.73
N PRO A 180 -5.18 17.95 13.19
CA PRO A 180 -4.09 18.25 14.13
C PRO A 180 -3.06 19.18 13.53
N SER A 181 -2.46 20.01 14.39
CA SER A 181 -1.44 20.95 13.93
C SER A 181 -0.17 20.24 13.50
N GLU A 182 0.27 19.26 14.29
CA GLU A 182 1.50 18.52 14.03
C GLU A 182 1.25 17.03 14.13
N TYR A 183 2.08 16.26 13.42
CA TYR A 183 1.98 14.81 13.37
C TYR A 183 3.33 14.20 13.77
N ASP A 184 3.39 12.86 13.73
CA ASP A 184 4.56 12.11 14.14
C ASP A 184 5.30 11.47 12.97
N THR A 185 5.08 11.97 11.76
CA THR A 185 5.68 11.37 10.58
C THR A 185 7.17 11.69 10.52
N PRO A 186 7.93 10.94 9.70
CA PRO A 186 9.38 11.19 9.60
C PRO A 186 9.76 12.62 9.28
N LEU A 187 8.91 13.35 8.56
CA LEU A 187 9.19 14.75 8.26
C LEU A 187 9.29 15.58 9.54
N TYR A 188 8.75 15.08 10.64
CA TYR A 188 8.85 15.73 11.95
C TYR A 188 10.07 15.30 12.75
N PHE A 189 10.95 14.47 12.20
CA PHE A 189 12.08 13.94 12.96
C PHE A 189 13.20 14.97 13.03
N GLU A 190 13.89 14.98 14.17
CA GLU A 190 15.10 15.76 14.34
C GLU A 190 16.30 14.90 13.95
N GLU A 191 17.50 15.50 13.95
CA GLU A 191 18.69 14.77 13.55
C GLU A 191 18.99 13.60 14.49
N ASP A 192 18.66 13.74 15.77
CA ASP A 192 18.90 12.66 16.72
C ASP A 192 17.90 11.52 16.52
N GLU A 193 16.64 11.86 16.25
CA GLU A 193 15.61 10.84 16.06
C GLU A 193 15.82 10.06 14.77
N VAL A 194 16.48 10.68 13.78
CA VAL A 194 16.86 9.94 12.58
C VAL A 194 18.18 9.22 12.79
N ARG A 195 19.04 9.74 13.67
CA ARG A 195 20.28 9.03 14.00
C ARG A 195 19.97 7.68 14.65
N TYR A 196 18.95 7.63 15.50
CA TYR A 196 18.60 6.35 16.12
C TYR A 196 18.18 5.31 15.08
N LEU A 197 17.82 5.72 13.86
CA LEU A 197 17.43 4.79 12.82
C LEU A 197 18.58 4.41 11.89
N GLN A 198 19.79 4.86 12.17
CA GLN A 198 20.92 4.56 11.30
C GLN A 198 21.20 3.06 11.30
N SER A 199 21.69 2.57 10.16
CA SER A 199 22.04 1.16 9.89
C SER A 199 20.83 0.30 9.58
N THR A 200 19.64 0.86 9.48
CA THR A 200 18.42 0.11 9.22
C THR A 200 18.00 0.35 7.76
N GLN A 201 17.14 -0.52 7.24
CA GLN A 201 16.68 -0.36 5.86
C GLN A 201 15.69 0.78 5.71
N ALA A 202 14.86 1.03 6.73
CA ALA A 202 13.84 2.07 6.65
C ALA A 202 14.42 3.47 6.43
N ILE A 203 15.68 3.68 6.81
CA ILE A 203 16.27 5.01 6.66
C ILE A 203 16.32 5.40 5.20
N HIS A 204 16.55 4.44 4.30
CA HIS A 204 16.56 4.76 2.86
C HIS A 204 15.19 5.24 2.40
N ASP A 205 14.12 4.69 2.97
CA ASP A 205 12.79 5.16 2.62
C ASP A 205 12.55 6.55 3.20
N VAL A 206 13.09 6.81 4.39
CA VAL A 206 13.01 8.15 4.95
C VAL A 206 13.75 9.14 4.06
N PHE A 207 14.90 8.73 3.54
CA PHE A 207 15.65 9.58 2.60
C PHE A 207 14.81 9.91 1.39
N SER A 208 14.21 8.89 0.77
CA SER A 208 13.44 9.12 -0.44
C SER A 208 12.23 10.02 -0.16
N GLN A 209 11.53 9.77 0.95
CA GLN A 209 10.40 10.60 1.32
C GLN A 209 10.80 12.05 1.49
N TYR A 210 11.87 12.30 2.27
CA TYR A 210 12.28 13.67 2.56
C TYR A 210 12.75 14.38 1.29
N LYS A 211 13.55 13.70 0.46
CA LYS A 211 14.01 14.32 -0.78
C LYS A 211 12.84 14.65 -1.69
N ASN A 212 11.89 13.72 -1.85
CA ASN A 212 10.74 13.99 -2.70
C ASN A 212 9.94 15.17 -2.19
N THR A 213 9.72 15.23 -0.87
CA THR A 213 8.99 16.36 -0.30
C THR A 213 9.70 17.67 -0.61
N ALA A 214 11.02 17.70 -0.41
CA ALA A 214 11.77 18.94 -0.63
C ALA A 214 11.69 19.37 -2.09
N ARG A 215 11.91 18.44 -3.02
CA ARG A 215 11.86 18.79 -4.44
C ARG A 215 10.48 19.30 -4.82
N GLN A 216 9.44 18.61 -4.35
CA GLN A 216 8.08 19.04 -4.66
C GLN A 216 7.82 20.44 -4.13
N TYR A 217 8.20 20.71 -2.88
CA TYR A 217 7.95 22.02 -2.31
C TYR A 217 8.65 23.11 -3.10
N ALA A 218 9.92 22.90 -3.45
CA ALA A 218 10.65 23.93 -4.19
C ALA A 218 10.01 24.19 -5.55
N TYR A 219 9.80 23.12 -6.33
CA TYR A 219 9.21 23.27 -7.66
C TYR A 219 7.86 23.95 -7.57
N PHE A 220 7.05 23.59 -6.57
CA PHE A 220 5.68 24.07 -6.51
C PHE A 220 5.61 25.51 -6.05
N TYR A 221 6.46 25.90 -5.10
CA TYR A 221 6.51 27.31 -4.73
C TYR A 221 6.95 28.16 -5.91
N LYS A 222 7.95 27.69 -6.68
CA LYS A 222 8.38 28.52 -7.80
C LYS A 222 7.31 28.58 -8.90
N VAL A 223 6.63 27.47 -9.19
CA VAL A 223 5.59 27.54 -10.24
C VAL A 223 4.45 28.44 -9.78
N ILE A 224 4.00 28.30 -8.52
CA ILE A 224 2.91 29.13 -8.04
C ILE A 224 3.28 30.60 -8.11
N GLN A 225 4.53 30.93 -7.80
CA GLN A 225 4.93 32.33 -7.93
C GLN A 225 4.98 32.78 -9.38
N THR A 226 5.34 31.89 -10.31
CA THR A 226 5.45 32.27 -11.72
C THR A 226 4.22 31.95 -12.56
N HIS A 227 3.44 30.92 -12.23
CA HIS A 227 2.30 30.55 -13.07
C HIS A 227 1.17 31.56 -12.94
N PRO A 228 0.74 32.20 -14.03
CA PRO A 228 -0.37 33.16 -13.94
C PRO A 228 -1.68 32.57 -13.44
N HIS A 229 -1.98 31.30 -13.73
CA HIS A 229 -3.26 30.72 -13.34
C HIS A 229 -3.40 30.62 -11.81
N ALA A 230 -2.31 30.73 -11.07
CA ALA A 230 -2.34 30.66 -9.61
C ALA A 230 -2.60 32.01 -8.96
N ASN A 231 -2.86 33.06 -9.73
CA ASN A 231 -3.05 34.39 -9.16
C ASN A 231 -4.25 34.43 -8.22
N LYS A 232 -5.30 33.68 -8.52
CA LYS A 232 -6.53 33.73 -7.76
C LYS A 232 -6.55 32.75 -6.58
N LEU A 233 -5.53 31.92 -6.44
CA LEU A 233 -5.52 30.98 -5.33
C LEU A 233 -5.16 31.71 -4.03
N PRO A 234 -5.63 31.21 -2.89
CA PRO A 234 -5.24 31.81 -1.61
C PRO A 234 -3.84 31.41 -1.17
N LEU A 235 -3.18 30.47 -1.87
CA LEU A 235 -1.87 30.02 -1.47
C LEU A 235 -0.76 30.99 -1.88
N LYS A 236 -0.95 31.73 -2.97
CA LYS A 236 0.10 32.62 -3.47
C LYS A 236 0.57 33.60 -2.41
N ASP A 237 -0.33 34.07 -1.54
CA ASP A 237 0.08 35.01 -0.51
C ASP A 237 0.92 34.36 0.59
N SER A 238 0.77 33.06 0.81
CA SER A 238 1.54 32.39 1.85
C SER A 238 1.59 30.89 1.53
N PHE A 239 2.77 30.40 1.12
CA PHE A 239 3.00 28.98 0.87
C PHE A 239 4.32 28.61 1.54
N THR A 240 4.23 28.21 2.81
CA THR A 240 5.40 27.90 3.62
C THR A 240 5.65 26.39 3.64
N TYR A 241 6.85 26.02 4.12
CA TYR A 241 7.15 24.61 4.33
C TYR A 241 6.20 23.96 5.33
N GLU A 242 5.84 24.68 6.39
CA GLU A 242 4.97 24.09 7.40
C GLU A 242 3.62 23.72 6.82
N ASP A 243 3.06 24.59 5.97
CA ASP A 243 1.74 24.33 5.39
C ASP A 243 1.78 23.09 4.49
N TYR A 244 2.73 23.05 3.55
CA TYR A 244 2.83 21.90 2.66
C TYR A 244 3.14 20.62 3.42
N ARG A 245 4.05 20.69 4.40
CA ARG A 245 4.39 19.51 5.17
C ARG A 245 3.18 18.98 5.94
N TRP A 246 2.43 19.88 6.58
CA TRP A 246 1.23 19.47 7.30
C TRP A 246 0.19 18.88 6.35
N ALA A 247 0.00 19.50 5.19
CA ALA A 247 -0.98 18.99 4.24
C ALA A 247 -0.60 17.58 3.77
N VAL A 248 0.66 17.41 3.36
CA VAL A 248 1.11 16.11 2.85
C VAL A 248 1.03 15.06 3.94
N SER A 249 1.43 15.42 5.16
CA SER A 249 1.37 14.47 6.26
C SER A 249 -0.07 14.05 6.55
N SER A 250 -1.00 15.01 6.57
CA SER A 250 -2.38 14.67 6.85
C SER A 250 -2.98 13.79 5.76
N VAL A 251 -2.76 14.14 4.49
CA VAL A 251 -3.32 13.31 3.42
C VAL A 251 -2.72 11.92 3.48
N MET A 252 -1.42 11.83 3.73
CA MET A 252 -0.75 10.53 3.75
C MET A 252 -1.22 9.69 4.93
N THR A 253 -1.56 10.31 6.06
CA THR A 253 -1.93 9.53 7.24
C THR A 253 -3.43 9.21 7.32
N ARG A 254 -4.29 9.92 6.60
CA ARG A 254 -5.72 9.70 6.74
C ARG A 254 -6.43 9.65 5.38
N GLN A 255 -5.84 8.93 4.43
CA GLN A 255 -6.40 8.81 3.09
C GLN A 255 -6.98 7.42 2.84
N ASN A 256 -8.10 7.37 2.11
CA ASN A 256 -8.73 6.14 1.67
C ASN A 256 -9.10 6.27 0.19
N GLN A 257 -9.15 5.12 -0.48
CA GLN A 257 -9.41 5.08 -1.91
C GLN A 257 -10.90 4.95 -2.19
N ILE A 258 -11.42 5.76 -3.12
CA ILE A 258 -12.82 5.67 -3.55
C ILE A 258 -12.89 5.85 -5.05
N PRO A 259 -13.91 5.27 -5.68
CA PRO A 259 -14.05 5.40 -7.13
C PRO A 259 -14.53 6.79 -7.54
N THR A 260 -14.28 7.12 -8.81
CA THR A 260 -14.73 8.39 -9.36
C THR A 260 -16.26 8.44 -9.34
N GLU A 261 -16.78 9.66 -9.56
CA GLU A 261 -18.22 9.84 -9.57
C GLU A 261 -18.88 9.01 -10.66
N ASP A 262 -18.26 8.99 -11.85
CA ASP A 262 -18.79 8.18 -12.95
C ASP A 262 -18.61 6.69 -12.73
N GLY A 263 -17.77 6.28 -11.79
CA GLY A 263 -17.51 4.87 -11.58
C GLY A 263 -16.48 4.26 -12.50
N SER A 264 -15.88 5.04 -13.40
CA SER A 264 -14.91 4.50 -14.34
C SER A 264 -13.58 4.19 -13.67
N ARG A 265 -13.14 5.04 -12.75
CA ARG A 265 -11.84 4.89 -12.10
C ARG A 265 -11.99 5.15 -10.62
N VAL A 266 -10.95 4.80 -9.86
CA VAL A 266 -10.89 5.08 -8.45
C VAL A 266 -9.91 6.21 -8.20
N THR A 267 -10.05 6.87 -7.06
CA THR A 267 -9.21 8.01 -6.74
C THR A 267 -9.06 8.14 -5.23
N LEU A 268 -8.01 8.84 -4.82
CA LEU A 268 -7.74 9.08 -3.41
C LEU A 268 -8.76 10.04 -2.81
N ALA A 269 -9.06 9.86 -1.52
CA ALA A 269 -10.03 10.70 -0.84
C ALA A 269 -9.76 10.77 0.66
N LEU A 270 -10.10 11.90 1.26
CA LEU A 270 -10.07 12.10 2.70
C LEU A 270 -11.50 12.11 3.24
N ILE A 271 -11.79 11.19 4.15
CA ILE A 271 -13.15 10.96 4.64
C ILE A 271 -13.27 11.53 6.05
N PRO A 272 -13.93 12.67 6.23
CA PRO A 272 -14.13 13.21 7.58
C PRO A 272 -15.00 12.30 8.42
N LEU A 273 -14.73 12.32 9.73
CA LEU A 273 -15.43 11.57 10.77
C LEU A 273 -15.12 10.08 10.74
N TRP A 274 -14.35 9.61 9.77
CA TRP A 274 -13.97 8.20 9.68
C TRP A 274 -12.48 7.98 9.92
N ASP A 275 -11.62 8.76 9.26
CA ASP A 275 -10.18 8.60 9.39
C ASP A 275 -9.64 9.05 10.74
N MET A 276 -10.49 9.54 11.63
CA MET A 276 -10.07 9.94 12.95
C MET A 276 -10.08 8.79 13.95
N CYS A 277 -10.43 7.59 13.49
CA CYS A 277 -10.42 6.40 14.31
C CYS A 277 -9.05 5.74 14.25
N ASN A 278 -8.63 5.14 15.37
CA ASN A 278 -7.33 4.53 15.46
C ASN A 278 -7.35 3.11 14.89
N HIS A 279 -6.19 2.46 14.93
CA HIS A 279 -5.97 1.18 14.26
C HIS A 279 -5.81 0.05 15.25
N THR A 280 -6.37 -1.12 14.89
CA THR A 280 -6.14 -2.35 15.62
C THR A 280 -6.16 -3.50 14.63
N ASN A 281 -5.50 -4.60 15.00
CA ASN A 281 -5.44 -5.75 14.12
C ASN A 281 -6.84 -6.28 13.82
N GLY A 282 -7.05 -6.70 12.58
CA GLY A 282 -8.36 -7.19 12.17
C GLY A 282 -8.48 -7.18 10.67
N LEU A 283 -9.72 -7.15 10.20
CA LEU A 283 -10.05 -7.18 8.78
C LEU A 283 -10.69 -5.88 8.35
N ILE A 284 -10.45 -5.50 7.09
CA ILE A 284 -10.97 -4.24 6.57
C ILE A 284 -12.48 -4.22 6.69
N THR A 285 -13.02 -3.12 7.25
CA THR A 285 -14.46 -2.97 7.44
C THR A 285 -14.98 -1.65 6.88
N THR A 286 -14.24 -0.99 6.01
CA THR A 286 -14.65 0.28 5.43
C THR A 286 -14.88 0.13 3.94
N GLY A 287 -16.07 0.53 3.49
CA GLY A 287 -16.39 0.49 2.07
C GLY A 287 -17.28 1.64 1.67
N TYR A 288 -17.12 2.09 0.43
CA TYR A 288 -17.91 3.16 -0.15
C TYR A 288 -19.05 2.58 -0.98
N ASN A 289 -20.26 3.07 -0.74
CA ASN A 289 -21.46 2.57 -1.42
C ASN A 289 -21.80 3.53 -2.54
N LEU A 290 -21.37 3.19 -3.77
CA LEU A 290 -21.55 4.09 -4.90
C LEU A 290 -23.03 4.31 -5.19
N GLU A 291 -23.85 3.28 -5.08
CA GLU A 291 -25.29 3.42 -5.33
C GLU A 291 -25.89 4.53 -4.48
N ASP A 292 -25.59 4.54 -3.18
CA ASP A 292 -25.98 5.64 -2.31
C ASP A 292 -24.98 6.79 -2.35
N ASP A 293 -23.86 6.65 -3.07
CA ASP A 293 -22.83 7.68 -3.16
C ASP A 293 -22.33 8.11 -1.78
N ARG A 294 -22.13 7.12 -0.91
CA ARG A 294 -21.69 7.38 0.46
C ARG A 294 -20.79 6.25 0.92
N CYS A 295 -19.98 6.55 1.94
CA CYS A 295 -19.05 5.58 2.52
C CYS A 295 -19.63 5.03 3.82
N GLU A 296 -19.70 3.71 3.92
CA GLU A 296 -20.23 3.04 5.09
C GLU A 296 -19.16 2.19 5.75
N CYS A 297 -19.05 2.29 7.08
CA CYS A 297 -18.10 1.49 7.85
C CYS A 297 -18.87 0.62 8.83
N VAL A 298 -18.61 -0.68 8.79
CA VAL A 298 -19.21 -1.63 9.73
C VAL A 298 -18.26 -1.83 10.90
N ALA A 299 -18.83 -2.17 12.05
CA ALA A 299 -18.03 -2.37 13.25
C ALA A 299 -16.99 -3.46 13.06
N LEU A 300 -15.74 -3.16 13.41
CA LEU A 300 -14.67 -4.13 13.31
C LEU A 300 -14.80 -5.24 14.36
N GLN A 301 -15.31 -4.92 15.54
CA GLN A 301 -15.51 -5.90 16.59
C GLN A 301 -16.56 -5.33 17.56
N ASP A 302 -16.80 -6.01 18.67
CA ASP A 302 -17.79 -5.58 19.65
C ASP A 302 -17.17 -4.54 20.56
N PHE A 303 -17.59 -3.29 20.42
CA PHE A 303 -17.10 -2.19 21.23
C PHE A 303 -18.14 -1.87 22.30
N ARG A 304 -17.86 -2.30 23.54
CA ARG A 304 -18.75 -2.03 24.65
C ARG A 304 -18.75 -0.53 24.99
N ALA A 305 -19.59 -0.17 25.95
CA ALA A 305 -19.68 1.22 26.39
C ALA A 305 -18.37 1.68 26.99
N GLY A 306 -17.84 2.79 26.47
CA GLY A 306 -16.60 3.35 26.94
C GLY A 306 -15.37 2.90 26.18
N GLU A 307 -15.45 1.81 25.43
CA GLU A 307 -14.31 1.33 24.67
C GLU A 307 -14.09 2.20 23.43
N GLN A 308 -12.84 2.26 22.99
CA GLN A 308 -12.49 3.07 21.84
C GLN A 308 -13.06 2.48 20.56
N ILE A 309 -13.20 3.34 19.55
CA ILE A 309 -13.71 2.93 18.24
C ILE A 309 -12.49 2.68 17.37
N TYR A 310 -12.30 1.42 16.96
CA TYR A 310 -11.15 1.01 16.18
C TYR A 310 -11.57 0.57 14.78
N ILE A 311 -10.62 0.62 13.85
CA ILE A 311 -10.78 0.13 12.49
C ILE A 311 -9.44 -0.45 12.04
N PHE A 312 -9.45 -1.08 10.87
CA PHE A 312 -8.25 -1.66 10.28
C PHE A 312 -7.76 -0.75 9.15
N TYR A 313 -6.53 -0.25 9.30
CA TYR A 313 -5.97 0.66 8.30
C TYR A 313 -5.44 -0.06 7.06
N GLY A 314 -5.27 -1.37 7.11
CA GLY A 314 -4.77 -2.12 5.98
C GLY A 314 -3.65 -3.05 6.37
N THR A 315 -3.20 -3.83 5.39
CA THR A 315 -2.12 -4.79 5.58
C THR A 315 -0.79 -4.15 5.19
N ARG A 316 -0.37 -3.19 6.00
CA ARG A 316 0.89 -2.50 5.81
C ARG A 316 1.86 -2.85 6.93
N SER A 317 3.14 -2.93 6.57
CA SER A 317 4.19 -3.25 7.53
C SER A 317 4.41 -2.09 8.48
N ASN A 318 5.02 -2.39 9.63
CA ASN A 318 5.32 -1.36 10.60
C ASN A 318 6.23 -0.29 10.00
N ALA A 319 7.11 -0.66 9.06
CA ALA A 319 7.93 0.36 8.40
C ALA A 319 7.06 1.36 7.66
N GLU A 320 6.07 0.89 6.88
CA GLU A 320 5.15 1.84 6.25
C GLU A 320 4.34 2.59 7.28
N PHE A 321 3.90 1.92 8.34
CA PHE A 321 3.16 2.62 9.39
C PHE A 321 3.95 3.81 9.92
N VAL A 322 5.21 3.58 10.31
CA VAL A 322 6.04 4.66 10.84
C VAL A 322 6.25 5.73 9.78
N ILE A 323 6.54 5.33 8.53
CA ILE A 323 6.91 6.30 7.51
C ILE A 323 5.72 7.17 7.11
N HIS A 324 4.53 6.59 7.01
CA HIS A 324 3.38 7.28 6.46
C HIS A 324 2.31 7.60 7.50
N SER A 325 1.84 6.61 8.26
CA SER A 325 0.78 6.88 9.23
C SER A 325 1.31 7.64 10.44
N GLY A 326 2.58 7.46 10.77
CA GLY A 326 3.20 8.24 11.83
C GLY A 326 3.07 7.63 13.20
N PHE A 327 3.18 6.30 13.31
CA PHE A 327 3.21 5.62 14.60
C PHE A 327 3.55 4.15 14.38
N PHE A 328 3.95 3.50 15.46
CA PHE A 328 4.34 2.10 15.46
C PHE A 328 3.34 1.29 16.27
N PHE A 329 2.95 0.14 15.72
CA PHE A 329 1.98 -0.75 16.34
C PHE A 329 2.71 -1.99 16.86
N ASP A 330 2.42 -2.36 18.09
CA ASP A 330 2.98 -3.59 18.66
C ASP A 330 2.08 -4.78 18.37
N ASN A 331 2.71 -5.95 18.27
CA ASN A 331 2.05 -7.23 17.99
C ASN A 331 1.49 -7.29 16.58
N ASN A 332 2.03 -6.50 15.67
CA ASN A 332 1.58 -6.49 14.28
C ASN A 332 2.06 -7.77 13.59
N SER A 333 1.12 -8.63 13.21
CA SER A 333 1.44 -9.91 12.60
C SER A 333 1.73 -9.80 11.11
N HIS A 334 1.62 -8.62 10.53
CA HIS A 334 1.83 -8.56 9.07
C HIS A 334 3.09 -7.76 8.75
N ASP A 335 4.15 -7.90 9.54
CA ASP A 335 5.36 -7.06 9.35
C ASP A 335 6.37 -7.73 8.43
N ARG A 336 7.25 -6.94 7.84
CA ARG A 336 8.21 -7.48 6.86
C ARG A 336 9.42 -6.56 6.73
N VAL A 337 10.56 -7.11 6.32
CA VAL A 337 11.81 -6.32 6.18
C VAL A 337 12.30 -6.44 4.74
N LYS A 338 12.18 -5.39 3.94
CA LYS A 338 12.73 -5.51 2.59
C LYS A 338 14.10 -6.18 2.62
N ILE A 339 14.35 -7.07 1.66
CA ILE A 339 15.64 -7.73 1.51
C ILE A 339 16.02 -7.69 0.03
N LYS A 340 17.19 -7.13 -0.27
CA LYS A 340 17.65 -7.02 -1.64
C LYS A 340 18.44 -8.27 -2.00
N LEU A 341 17.95 -9.01 -2.99
CA LEU A 341 18.57 -10.25 -3.44
C LEU A 341 18.61 -10.27 -4.96
N GLY A 342 19.58 -11.01 -5.50
CA GLY A 342 19.69 -11.15 -6.93
C GLY A 342 20.73 -12.19 -7.30
N VAL A 343 20.72 -12.58 -8.57
CA VAL A 343 21.67 -13.53 -9.13
C VAL A 343 22.81 -12.76 -9.78
N SER A 344 24.02 -12.96 -9.28
CA SER A 344 25.17 -12.25 -9.82
C SER A 344 25.43 -12.65 -11.26
N LYS A 345 25.94 -11.71 -12.04
CA LYS A 345 26.25 -11.91 -13.45
C LYS A 345 27.42 -12.86 -13.69
N SER A 346 27.98 -13.49 -12.67
CA SER A 346 29.14 -14.35 -12.82
C SER A 346 28.81 -15.82 -12.57
N ASP A 347 27.55 -16.22 -12.69
CA ASP A 347 27.15 -17.61 -12.54
C ASP A 347 27.02 -18.25 -13.92
N ARG A 348 27.49 -19.50 -14.03
CA ARG A 348 27.44 -20.23 -15.29
C ARG A 348 26.04 -20.71 -15.65
N LEU A 349 25.07 -20.53 -14.76
CA LEU A 349 23.68 -20.89 -15.03
C LEU A 349 22.80 -19.69 -15.37
N TYR A 350 23.41 -18.52 -15.62
CA TYR A 350 22.61 -17.32 -15.90
C TYR A 350 21.75 -17.50 -17.15
N ALA A 351 22.36 -17.93 -18.25
CA ALA A 351 21.64 -18.02 -19.52
C ALA A 351 20.51 -19.03 -19.43
N MET A 352 20.76 -20.19 -18.81
CA MET A 352 19.73 -21.21 -18.74
C MET A 352 18.64 -20.86 -17.72
N LYS A 353 19.00 -20.15 -16.66
CA LYS A 353 18.02 -19.77 -15.65
C LYS A 353 17.14 -18.61 -16.12
N ALA A 354 17.65 -17.76 -17.00
CA ALA A 354 16.84 -16.64 -17.47
C ALA A 354 15.57 -17.14 -18.16
N GLU A 355 15.58 -18.35 -18.71
CA GLU A 355 14.37 -18.90 -19.30
C GLU A 355 13.27 -19.07 -18.25
N VAL A 356 13.62 -19.61 -17.08
CA VAL A 356 12.63 -19.71 -16.02
C VAL A 356 12.25 -18.33 -15.53
N LEU A 357 13.23 -17.45 -15.33
CA LEU A 357 12.94 -16.11 -14.82
C LEU A 357 11.90 -15.42 -15.71
N ALA A 358 12.11 -15.48 -17.03
CA ALA A 358 11.14 -14.91 -17.96
C ALA A 358 9.81 -15.65 -17.88
N ARG A 359 9.84 -16.98 -17.73
CA ARG A 359 8.60 -17.75 -17.70
C ARG A 359 7.98 -17.85 -16.32
N ALA A 360 8.71 -17.51 -15.25
CA ALA A 360 8.16 -17.56 -13.91
C ALA A 360 7.70 -16.20 -13.41
N GLY A 361 7.81 -15.16 -14.23
CA GLY A 361 7.42 -13.83 -13.79
C GLY A 361 8.30 -13.24 -12.71
N ILE A 362 9.49 -13.80 -12.49
CA ILE A 362 10.41 -13.31 -11.48
C ILE A 362 11.42 -12.40 -12.15
N PRO A 363 11.49 -11.12 -11.79
CA PRO A 363 12.45 -10.22 -12.44
C PRO A 363 13.89 -10.59 -12.10
N THR A 364 14.82 -9.97 -12.83
CA THR A 364 16.23 -10.22 -12.61
C THR A 364 16.64 -9.85 -11.19
N SER A 365 16.16 -8.72 -10.68
CA SER A 365 16.45 -8.31 -9.31
C SER A 365 15.33 -7.42 -8.81
N SER A 366 14.87 -7.69 -7.59
CA SER A 366 13.76 -6.95 -6.99
C SER A 366 13.85 -7.11 -5.48
N VAL A 367 13.06 -6.31 -4.78
CA VAL A 367 13.06 -6.30 -3.32
C VAL A 367 12.03 -7.31 -2.81
N PHE A 368 12.47 -8.17 -1.90
CA PHE A 368 11.64 -9.20 -1.29
C PHE A 368 11.39 -8.90 0.18
N ALA A 369 10.40 -9.57 0.74
CA ALA A 369 10.00 -9.36 2.13
C ALA A 369 10.00 -10.66 2.92
N LEU A 370 10.54 -10.61 4.13
CA LEU A 370 10.47 -11.72 5.07
C LEU A 370 9.31 -11.47 6.02
N HIS A 371 8.43 -12.46 6.17
CA HIS A 371 7.17 -12.27 6.87
C HIS A 371 7.29 -12.74 8.32
N PHE A 372 6.84 -11.89 9.25
CA PHE A 372 6.88 -12.24 10.66
C PHE A 372 6.04 -13.48 10.95
N THR A 373 4.84 -13.54 10.39
CA THR A 373 3.96 -14.68 10.62
C THR A 373 4.44 -15.90 9.83
N GLU A 374 4.15 -17.07 10.36
CA GLU A 374 4.53 -18.31 9.69
C GLU A 374 3.66 -18.51 8.44
N PRO A 375 4.27 -18.90 7.30
CA PRO A 375 5.70 -19.12 7.07
C PRO A 375 6.46 -17.82 6.92
N PRO A 376 7.70 -17.76 7.44
CA PRO A 376 8.50 -16.54 7.27
C PRO A 376 8.77 -16.18 5.83
N ILE A 377 8.91 -17.18 4.97
CA ILE A 377 9.25 -16.94 3.54
C ILE A 377 7.97 -16.75 2.74
N SER A 378 8.06 -16.21 1.52
CA SER A 378 6.88 -15.95 0.67
C SER A 378 7.04 -16.62 -0.69
N ALA A 379 5.95 -17.02 -1.32
CA ALA A 379 6.07 -17.79 -2.57
C ALA A 379 7.12 -17.15 -3.47
N GLN A 380 6.91 -15.90 -3.88
CA GLN A 380 7.86 -15.32 -4.84
C GLN A 380 9.29 -15.55 -4.30
N LEU A 381 9.48 -15.53 -2.98
CA LEU A 381 10.82 -15.80 -2.40
C LEU A 381 11.15 -17.26 -2.68
N LEU A 382 10.35 -18.22 -2.19
CA LEU A 382 10.74 -19.64 -2.37
C LEU A 382 11.12 -19.80 -3.83
N ALA A 383 10.53 -18.99 -4.69
CA ALA A 383 10.82 -19.20 -6.12
C ALA A 383 12.22 -18.69 -6.39
N PHE A 384 12.48 -17.44 -6.08
CA PHE A 384 13.80 -16.89 -6.44
C PHE A 384 14.87 -17.80 -5.85
N LEU A 385 14.66 -18.28 -4.63
CA LEU A 385 15.76 -19.06 -4.00
C LEU A 385 15.90 -20.38 -4.74
N ARG A 386 14.78 -21.06 -5.00
CA ARG A 386 14.84 -22.38 -5.66
C ARG A 386 15.67 -22.22 -6.93
N VAL A 387 15.70 -21.02 -7.51
CA VAL A 387 16.44 -20.80 -8.79
C VAL A 387 17.82 -20.22 -8.45
N PHE A 388 18.13 -20.08 -7.17
CA PHE A 388 19.43 -19.47 -6.91
C PHE A 388 20.50 -20.48 -6.51
N CYS A 389 20.15 -21.73 -6.21
CA CYS A 389 21.15 -22.74 -5.87
C CYS A 389 20.90 -24.09 -6.52
N MET A 390 19.87 -24.22 -7.35
CA MET A 390 19.53 -25.49 -7.97
C MET A 390 20.63 -25.92 -8.96
N THR A 391 20.81 -27.22 -9.09
CA THR A 391 21.79 -27.75 -10.02
C THR A 391 21.27 -27.79 -11.46
N GLU A 392 22.23 -27.88 -12.39
CA GLU A 392 21.92 -27.83 -13.82
C GLU A 392 21.09 -29.02 -14.29
N GLU A 393 21.44 -30.22 -13.84
CA GLU A 393 20.73 -31.42 -14.29
C GLU A 393 19.25 -31.35 -13.97
N GLU A 394 18.88 -30.66 -12.90
CA GLU A 394 17.51 -30.49 -12.47
C GLU A 394 16.88 -29.23 -13.04
N LEU A 395 17.63 -28.45 -13.80
CA LEU A 395 17.19 -27.19 -14.40
C LEU A 395 16.53 -27.36 -15.76
N LYS A 396 16.47 -28.58 -16.28
CA LYS A 396 15.72 -28.85 -17.50
C LYS A 396 14.48 -29.69 -17.27
N GLU A 397 14.32 -30.29 -16.09
CA GLU A 397 13.13 -31.08 -15.80
C GLU A 397 11.86 -30.23 -15.83
N HIS A 398 11.92 -29.03 -15.23
CA HIS A 398 10.79 -28.12 -15.27
C HIS A 398 10.58 -27.48 -16.64
N LEU A 399 11.52 -27.65 -17.58
CA LEU A 399 11.38 -27.08 -18.91
C LEU A 399 10.83 -28.06 -19.94
N LEU A 400 11.16 -29.35 -19.82
CA LEU A 400 10.70 -30.37 -20.75
C LEU A 400 10.01 -31.49 -20.00
N GLY A 401 8.89 -31.98 -20.55
CA GLY A 401 8.15 -33.06 -19.94
C GLY A 401 6.71 -32.71 -19.61
N ASP A 402 5.88 -33.74 -19.49
CA ASP A 402 4.47 -33.53 -19.16
C ASP A 402 4.29 -32.92 -17.78
N SER A 403 5.27 -33.06 -16.90
CA SER A 403 5.23 -32.48 -15.57
C SER A 403 5.82 -31.08 -15.50
N ALA A 404 6.33 -30.56 -16.62
CA ALA A 404 6.91 -29.22 -16.64
C ALA A 404 5.87 -28.17 -16.25
N ILE A 405 4.67 -28.26 -16.80
CA ILE A 405 3.61 -27.34 -16.42
C ILE A 405 3.24 -27.52 -14.95
N ASP A 406 3.14 -28.76 -14.49
CA ASP A 406 2.87 -28.99 -13.08
C ASP A 406 4.05 -28.56 -12.23
N ARG A 407 5.29 -28.76 -12.72
CA ARG A 407 6.45 -28.32 -11.96
C ARG A 407 6.47 -26.80 -11.79
N ILE A 408 6.18 -26.04 -12.84
CA ILE A 408 6.15 -24.59 -12.70
C ILE A 408 4.98 -24.15 -11.83
N PHE A 409 3.83 -24.84 -11.93
CA PHE A 409 2.71 -24.52 -11.05
C PHE A 409 3.07 -24.71 -9.59
N THR A 410 3.70 -25.82 -9.26
CA THR A 410 4.09 -26.13 -7.90
C THR A 410 5.45 -25.55 -7.53
N LEU A 411 6.04 -24.73 -8.41
CA LEU A 411 7.35 -24.15 -8.15
C LEU A 411 7.37 -23.32 -6.86
N GLY A 412 6.21 -22.83 -6.42
CA GLY A 412 6.11 -22.13 -5.17
C GLY A 412 5.59 -22.97 -4.02
N ASN A 413 5.34 -24.25 -4.25
CA ASN A 413 4.78 -25.12 -3.22
C ASN A 413 5.89 -25.50 -2.24
N SER A 414 5.74 -25.06 -0.99
CA SER A 414 6.70 -25.46 0.05
C SER A 414 6.65 -26.96 0.30
N GLU A 415 5.44 -27.54 0.30
CA GLU A 415 5.29 -28.98 0.50
C GLU A 415 5.83 -29.82 -0.65
N PHE A 416 6.11 -29.18 -1.79
CA PHE A 416 6.67 -29.89 -2.97
C PHE A 416 8.12 -29.46 -3.22
N PRO A 417 9.14 -30.11 -2.64
CA PRO A 417 10.51 -29.71 -2.98
C PRO A 417 10.91 -30.31 -4.32
N VAL A 418 11.55 -29.49 -5.15
CA VAL A 418 12.05 -30.00 -6.43
C VAL A 418 13.11 -31.06 -6.18
N SER A 419 14.02 -30.78 -5.25
CA SER A 419 15.05 -31.72 -4.86
C SER A 419 15.48 -31.39 -3.45
N TRP A 420 15.91 -32.43 -2.73
CA TRP A 420 16.28 -32.28 -1.34
C TRP A 420 17.61 -31.55 -1.19
N ASP A 421 18.49 -31.69 -2.17
CA ASP A 421 19.78 -31.00 -2.15
C ASP A 421 19.59 -29.51 -2.44
N ASN A 422 18.71 -29.18 -3.38
CA ASN A 422 18.38 -27.77 -3.60
C ASN A 422 17.79 -27.17 -2.33
N GLU A 423 16.98 -27.93 -1.59
CA GLU A 423 16.43 -27.44 -0.33
C GLU A 423 17.52 -27.15 0.68
N VAL A 424 18.45 -28.09 0.88
CA VAL A 424 19.47 -27.86 1.90
C VAL A 424 20.38 -26.70 1.50
N LYS A 425 20.71 -26.58 0.22
CA LYS A 425 21.51 -25.44 -0.25
C LYS A 425 20.75 -24.13 -0.04
N LEU A 426 19.46 -24.12 -0.36
CA LEU A 426 18.65 -22.92 -0.21
C LEU A 426 18.64 -22.46 1.24
N TRP A 427 18.36 -23.38 2.17
CA TRP A 427 18.34 -23.01 3.58
C TRP A 427 19.73 -22.60 4.08
N THR A 428 20.79 -23.19 3.54
CA THR A 428 22.14 -22.75 3.89
C THR A 428 22.37 -21.31 3.47
N PHE A 429 22.08 -20.99 2.21
CA PHE A 429 22.20 -19.60 1.74
C PHE A 429 21.32 -18.66 2.56
N LEU A 430 20.14 -19.12 2.97
CA LEU A 430 19.25 -18.27 3.76
C LEU A 430 19.88 -17.95 5.12
N GLU A 431 20.43 -18.97 5.79
CA GLU A 431 21.09 -18.71 7.06
C GLU A 431 22.29 -17.79 6.88
N ASP A 432 23.06 -17.99 5.81
CA ASP A 432 24.21 -17.13 5.55
C ASP A 432 23.79 -15.67 5.42
N ARG A 433 22.81 -15.40 4.55
CA ARG A 433 22.39 -14.02 4.34
C ARG A 433 21.76 -13.43 5.59
N ALA A 434 20.98 -14.22 6.33
CA ALA A 434 20.37 -13.72 7.55
C ALA A 434 21.42 -13.37 8.59
N SER A 435 22.46 -14.22 8.73
CA SER A 435 23.54 -13.90 9.66
C SER A 435 24.28 -12.65 9.24
N LEU A 436 24.53 -12.49 7.93
CA LEU A 436 25.16 -11.27 7.45
C LEU A 436 24.31 -10.05 7.81
N LEU A 437 23.00 -10.13 7.61
CA LEU A 437 22.11 -9.02 7.93
C LEU A 437 22.16 -8.70 9.42
N LEU A 438 22.15 -9.73 10.27
CA LEU A 438 22.26 -9.50 11.71
C LEU A 438 23.57 -8.80 12.06
N LYS A 439 24.66 -9.21 11.42
CA LYS A 439 25.95 -8.59 11.69
C LYS A 439 25.97 -7.13 11.25
N THR A 440 25.32 -6.83 10.12
CA THR A 440 25.42 -5.48 9.54
C THR A 440 24.93 -4.40 10.50
N TYR A 441 23.95 -4.70 11.35
CA TYR A 441 23.37 -3.69 12.21
C TYR A 441 24.40 -3.15 13.20
N LYS A 442 24.26 -1.87 13.54
CA LYS A 442 25.23 -1.22 14.41
C LYS A 442 25.15 -1.71 15.85
N THR A 443 23.95 -1.92 16.37
CA THR A 443 23.76 -2.30 17.76
C THR A 443 23.26 -3.75 17.87
N THR A 444 22.93 -4.15 19.10
CA THR A 444 22.44 -5.48 19.40
C THR A 444 21.04 -5.40 19.99
N ILE A 445 20.31 -6.52 19.86
CA ILE A 445 18.93 -6.57 20.33
C ILE A 445 18.84 -6.33 21.84
N GLU A 446 19.79 -6.87 22.60
CA GLU A 446 19.75 -6.70 24.05
C GLU A 446 19.87 -5.23 24.43
N GLU A 447 20.75 -4.49 23.76
CA GLU A 447 20.89 -3.07 24.03
C GLU A 447 19.59 -2.34 23.71
N ASP A 448 18.91 -2.72 22.64
CA ASP A 448 17.64 -2.07 22.30
C ASP A 448 16.60 -2.31 23.38
N LYS A 449 16.47 -3.56 23.85
CA LYS A 449 15.47 -3.82 24.89
C LYS A 449 15.82 -3.10 26.18
N SER A 450 17.11 -2.96 26.49
CA SER A 450 17.48 -2.27 27.71
C SER A 450 17.21 -0.78 27.58
N VAL A 451 17.46 -0.19 26.40
CA VAL A 451 17.17 1.22 26.21
C VAL A 451 15.66 1.46 26.33
N LEU A 452 14.85 0.56 25.76
CA LEU A 452 13.40 0.72 25.87
C LEU A 452 12.93 0.64 27.31
N LYS A 453 13.44 -0.32 28.08
CA LYS A 453 12.93 -0.44 29.44
C LYS A 453 13.50 0.60 30.39
N ASN A 454 14.74 1.03 30.19
CA ASN A 454 15.40 1.93 31.14
C ASN A 454 15.22 3.41 30.80
N HIS A 455 15.41 3.79 29.54
CA HIS A 455 15.47 5.19 29.20
C HIS A 455 14.08 5.80 29.03
N ASP A 456 14.05 7.14 29.04
CA ASP A 456 12.84 7.92 28.81
C ASP A 456 13.03 8.80 27.57
N LEU A 457 12.73 8.25 26.40
CA LEU A 457 12.86 8.96 25.14
C LEU A 457 11.51 9.52 24.68
N SER A 458 11.57 10.48 23.78
CA SER A 458 10.38 11.06 23.19
C SER A 458 9.60 9.99 22.41
N VAL A 459 8.40 10.37 21.97
CA VAL A 459 7.56 9.45 21.22
C VAL A 459 8.21 9.07 19.89
N ARG A 460 8.79 10.04 19.18
CA ARG A 460 9.32 9.77 17.85
C ARG A 460 10.54 8.86 17.90
N ALA A 461 11.47 9.16 18.81
CA ALA A 461 12.56 8.23 19.08
C ALA A 461 12.03 6.88 19.52
N LYS A 462 10.91 6.88 20.27
CA LYS A 462 10.32 5.62 20.71
C LYS A 462 9.91 4.75 19.53
N MET A 463 9.13 5.29 18.59
CA MET A 463 8.75 4.44 17.46
C MET A 463 9.94 4.09 16.57
N ALA A 464 10.92 4.99 16.42
CA ALA A 464 12.08 4.64 15.61
C ALA A 464 12.85 3.46 16.20
N ILE A 465 13.14 3.51 17.50
CA ILE A 465 13.87 2.43 18.14
C ILE A 465 13.04 1.15 18.13
N LYS A 466 11.72 1.26 18.32
CA LYS A 466 10.85 0.08 18.24
C LYS A 466 10.90 -0.53 16.86
N LEU A 467 10.92 0.30 15.81
CA LEU A 467 11.01 -0.22 14.45
C LEU A 467 12.30 -1.00 14.26
N ARG A 468 13.42 -0.44 14.72
CA ARG A 468 14.69 -1.15 14.59
C ARG A 468 14.66 -2.47 15.35
N LEU A 469 14.11 -2.45 16.57
CA LEU A 469 14.01 -3.67 17.37
C LEU A 469 13.13 -4.71 16.69
N GLY A 470 12.03 -4.28 16.09
CA GLY A 470 11.16 -5.22 15.40
C GLY A 470 11.82 -5.84 14.19
N GLU A 471 12.57 -5.03 13.43
CA GLU A 471 13.33 -5.58 12.31
C GLU A 471 14.33 -6.64 12.78
N LYS A 472 15.05 -6.33 13.85
CA LYS A 472 16.02 -7.30 14.35
C LYS A 472 15.34 -8.58 14.84
N GLU A 473 14.18 -8.44 15.49
CA GLU A 473 13.44 -9.61 15.95
C GLU A 473 12.97 -10.46 14.78
N ILE A 474 12.44 -9.83 13.73
CA ILE A 474 11.99 -10.59 12.57
C ILE A 474 13.16 -11.32 11.92
N LEU A 475 14.32 -10.66 11.81
CA LEU A 475 15.50 -11.33 11.26
C LEU A 475 15.91 -12.52 12.12
N GLU A 476 15.90 -12.37 13.45
CA GLU A 476 16.28 -13.47 14.32
C GLU A 476 15.31 -14.64 14.17
N LYS A 477 14.01 -14.35 14.10
CA LYS A 477 13.05 -15.43 13.89
C LYS A 477 13.28 -16.12 12.55
N ALA A 478 13.62 -15.36 11.52
CA ALA A 478 13.94 -15.95 10.23
C ALA A 478 15.14 -16.88 10.34
N VAL A 479 16.16 -16.47 11.09
CA VAL A 479 17.33 -17.33 11.29
C VAL A 479 16.91 -18.63 11.97
N LYS A 480 16.07 -18.51 13.00
CA LYS A 480 15.62 -19.70 13.72
C LYS A 480 14.85 -20.64 12.81
N SER A 481 13.94 -20.08 12.00
CA SER A 481 13.15 -20.91 11.09
C SER A 481 14.02 -21.58 10.05
N ALA A 482 15.00 -20.85 9.51
CA ALA A 482 15.91 -21.45 8.54
C ALA A 482 16.69 -22.59 9.16
N ALA A 483 17.20 -22.39 10.39
CA ALA A 483 17.95 -23.46 11.05
C ALA A 483 17.09 -24.68 11.34
N VAL A 484 15.85 -24.50 11.81
CA VAL A 484 15.01 -25.66 12.09
C VAL A 484 14.70 -26.42 10.80
N ASN A 485 14.39 -25.70 9.72
CA ASN A 485 14.08 -26.40 8.48
C ASN A 485 15.31 -27.09 7.90
N ARG A 486 16.49 -26.47 8.03
CA ARG A 486 17.71 -27.11 7.59
C ARG A 486 17.97 -28.40 8.37
N GLU A 487 17.78 -28.37 9.69
CA GLU A 487 17.93 -29.57 10.49
C GLU A 487 16.90 -30.62 10.11
N TYR A 488 15.67 -30.18 9.83
CA TYR A 488 14.63 -31.08 9.37
C TYR A 488 15.06 -31.81 8.11
N TYR A 489 15.59 -31.07 7.13
CA TYR A 489 16.02 -31.71 5.89
C TYR A 489 17.24 -32.59 6.10
N ARG A 490 18.15 -32.24 7.01
CA ARG A 490 19.28 -33.12 7.28
C ARG A 490 18.80 -34.44 7.87
N GLN A 491 17.83 -34.39 8.79
CA GLN A 491 17.28 -35.64 9.26
C GLN A 491 16.52 -36.36 8.15
N GLN A 492 15.86 -35.61 7.27
CA GLN A 492 15.23 -36.25 6.13
C GLN A 492 16.26 -36.91 5.22
N MET A 493 17.50 -36.42 5.26
CA MET A 493 18.58 -37.07 4.53
C MET A 493 18.88 -38.40 5.16
N GLU A 494 18.95 -38.42 6.49
CA GLU A 494 19.12 -39.69 7.19
C GLU A 494 17.93 -40.61 6.96
N GLU A 495 16.78 -40.06 6.58
CA GLU A 495 15.58 -40.83 6.28
C GLU A 495 15.47 -41.09 4.78
N LYS A 496 14.50 -41.93 4.41
CA LYS A 496 14.25 -42.25 3.01
C LYS A 496 12.76 -42.06 2.73
N ALA A 497 12.43 -41.13 1.84
CA ALA A 497 11.05 -40.89 1.44
C ALA A 497 10.92 -41.08 -0.06
N PRO A 498 10.09 -42.01 -0.54
CA PRO A 498 10.01 -42.25 -1.98
C PRO A 498 9.46 -41.07 -2.77
N LEU A 499 8.58 -40.29 -2.19
CA LEU A 499 7.97 -39.22 -3.01
C LEU A 499 8.92 -38.03 -3.07
N PRO A 500 9.49 -37.71 -4.24
CA PRO A 500 10.33 -36.54 -4.37
C PRO A 500 9.43 -35.37 -3.98
N LYS A 501 8.31 -35.27 -4.66
CA LYS A 501 7.36 -34.18 -4.36
C LYS A 501 7.02 -34.23 -2.87
N GLN B 6 -21.88 -2.10 -13.17
CA GLN B 6 -21.22 -3.35 -12.81
C GLN B 6 -21.91 -4.55 -13.42
N SER B 7 -21.64 -4.78 -14.71
CA SER B 7 -22.25 -5.89 -15.44
C SER B 7 -21.51 -7.21 -15.24
N GLY B 8 -20.41 -7.22 -14.50
CA GLY B 8 -19.65 -8.43 -14.28
C GLY B 8 -18.69 -8.79 -15.39
N ALA B 9 -18.40 -7.86 -16.30
CA ALA B 9 -17.48 -8.13 -17.40
C ALA B 9 -16.81 -6.83 -17.83
N ILE B 10 -15.67 -6.97 -18.50
CA ILE B 10 -14.89 -5.85 -18.98
C ILE B 10 -15.25 -5.59 -20.44
N TYR B 11 -15.52 -4.34 -20.77
CA TYR B 11 -15.84 -3.93 -22.13
C TYR B 11 -14.75 -2.98 -22.62
N VAL B 12 -13.94 -3.43 -23.57
CA VAL B 12 -12.87 -2.62 -24.12
C VAL B 12 -12.68 -2.96 -25.59
N GLY B 13 -12.44 -1.94 -26.41
CA GLY B 13 -12.22 -2.15 -27.82
C GLY B 13 -13.39 -2.88 -28.46
N ASN B 14 -13.09 -3.94 -29.18
CA ASN B 14 -14.10 -4.81 -29.76
C ASN B 14 -14.07 -6.18 -29.11
N PHE B 15 -13.81 -6.23 -27.81
CA PHE B 15 -13.63 -7.47 -27.08
C PHE B 15 -14.43 -7.43 -25.77
N ARG B 16 -14.68 -8.61 -25.22
CA ARG B 16 -15.33 -8.78 -23.92
C ARG B 16 -14.55 -9.78 -23.09
N VAL B 17 -14.24 -9.40 -21.86
CA VAL B 17 -13.48 -10.26 -20.94
C VAL B 17 -14.37 -10.56 -19.75
N VAL B 18 -14.53 -11.85 -19.44
CA VAL B 18 -15.39 -12.29 -18.34
C VAL B 18 -14.93 -13.66 -17.90
N ASN B 19 -15.31 -14.05 -16.69
CA ASN B 19 -14.99 -15.37 -16.18
C ASN B 19 -15.50 -16.48 -17.11
N ARG B 20 -14.68 -17.50 -17.30
CA ARG B 20 -15.06 -18.62 -18.16
C ARG B 20 -16.24 -19.39 -17.59
N HIS B 21 -16.30 -19.57 -16.27
CA HIS B 21 -17.28 -20.47 -15.68
C HIS B 21 -18.69 -19.90 -15.66
N LEU B 22 -18.87 -18.59 -15.76
CA LEU B 22 -20.21 -18.01 -15.76
C LEU B 22 -20.56 -17.36 -17.10
N ALA B 23 -19.81 -17.64 -18.15
CA ALA B 23 -20.09 -17.08 -19.46
C ALA B 23 -21.25 -17.80 -20.12
N THR B 24 -21.88 -17.12 -21.08
CA THR B 24 -22.97 -17.68 -21.85
C THR B 24 -22.45 -18.32 -23.14
N HIS B 25 -23.26 -19.22 -23.69
CA HIS B 25 -22.93 -19.85 -24.96
C HIS B 25 -22.70 -18.83 -26.08
N ASN B 26 -23.35 -17.66 -26.01
CA ASN B 26 -23.09 -16.63 -27.01
C ASN B 26 -21.63 -16.17 -26.99
N ASP B 27 -21.00 -16.16 -25.82
CA ASP B 27 -19.58 -15.80 -25.76
C ASP B 27 -18.74 -16.79 -26.57
N TRP B 28 -19.01 -18.09 -26.42
CA TRP B 28 -18.26 -19.09 -27.16
C TRP B 28 -18.59 -19.07 -28.64
N ALA B 29 -19.81 -18.68 -28.99
CA ALA B 29 -20.14 -18.47 -30.40
C ALA B 29 -19.29 -17.37 -31.03
N ASN B 30 -18.83 -16.42 -30.22
CA ASN B 30 -17.92 -15.36 -30.65
C ASN B 30 -16.56 -15.49 -29.97
N LEU B 31 -16.09 -16.72 -29.81
CA LEU B 31 -14.82 -16.96 -29.14
C LEU B 31 -13.65 -16.55 -30.01
N VAL B 32 -12.73 -15.76 -29.44
CA VAL B 32 -11.50 -15.39 -30.10
C VAL B 32 -10.28 -15.99 -29.39
N TRP B 33 -10.31 -16.03 -28.06
CA TRP B 33 -9.28 -16.70 -27.28
C TRP B 33 -9.86 -17.04 -25.91
N GLU B 34 -9.35 -18.11 -25.31
CA GLU B 34 -9.82 -18.56 -24.02
C GLU B 34 -8.70 -19.28 -23.28
N ASP B 35 -8.94 -19.59 -22.01
CA ASP B 35 -7.97 -20.28 -21.17
C ASP B 35 -8.70 -20.87 -19.98
N SER B 36 -8.62 -22.19 -19.82
CA SER B 36 -9.25 -22.85 -18.67
C SER B 36 -8.45 -22.64 -17.40
N SER B 37 -7.13 -22.64 -17.50
CA SER B 37 -6.26 -22.43 -16.34
C SER B 37 -6.39 -21.04 -15.74
N ARG B 38 -6.95 -20.09 -16.48
CA ARG B 38 -7.12 -18.74 -15.97
C ARG B 38 -8.55 -18.40 -15.60
N ASP B 39 -9.52 -19.23 -16.02
CA ASP B 39 -10.94 -18.91 -15.88
C ASP B 39 -11.25 -17.55 -16.50
N LEU B 40 -10.61 -17.28 -17.63
CA LEU B 40 -10.72 -16.00 -18.33
C LEU B 40 -11.20 -16.28 -19.75
N LEU B 41 -12.30 -15.62 -20.14
CA LEU B 41 -12.88 -15.78 -21.46
C LEU B 41 -12.88 -14.45 -22.20
N VAL B 42 -12.38 -14.45 -23.43
CA VAL B 42 -12.30 -13.26 -24.25
C VAL B 42 -13.14 -13.48 -25.51
N SER B 43 -14.12 -12.61 -25.73
CA SER B 43 -14.99 -12.69 -26.88
C SER B 43 -15.10 -11.33 -27.55
N SER B 44 -15.30 -11.34 -28.87
CA SER B 44 -15.41 -10.12 -29.65
C SER B 44 -16.77 -9.46 -29.50
N THR B 45 -16.76 -8.12 -29.43
CA THR B 45 -17.97 -7.32 -29.28
C THR B 45 -18.08 -6.32 -30.42
N THR B 46 -19.31 -6.10 -30.88
CA THR B 46 -19.54 -5.13 -31.95
C THR B 46 -19.38 -3.70 -31.44
N ALA B 47 -19.83 -3.42 -30.23
CA ALA B 47 -19.71 -2.09 -29.65
C ALA B 47 -18.30 -1.85 -29.10
N GLN B 48 -18.01 -0.58 -28.85
CA GLN B 48 -16.71 -0.17 -28.33
C GLN B 48 -16.80 0.04 -26.83
N GLY B 49 -15.96 -0.69 -26.09
CA GLY B 49 -15.98 -0.61 -24.64
C GLY B 49 -15.49 0.72 -24.11
N CYS B 50 -15.93 1.02 -22.89
CA CYS B 50 -15.56 2.26 -22.20
C CYS B 50 -14.53 2.05 -21.10
N ASP B 51 -13.88 0.89 -21.03
CA ASP B 51 -12.90 0.60 -20.00
C ASP B 51 -11.49 0.52 -20.58
N THR B 52 -10.51 1.00 -19.81
CA THR B 52 -9.11 1.02 -20.21
C THR B 52 -8.32 0.04 -19.34
N ILE B 53 -7.38 -0.66 -19.97
CA ILE B 53 -6.54 -1.64 -19.27
C ILE B 53 -5.34 -0.93 -18.69
N ALA B 54 -5.08 -1.17 -17.40
CA ALA B 54 -3.95 -0.55 -16.71
C ALA B 54 -2.70 -1.38 -16.95
N ARG B 55 -1.62 -0.71 -17.38
CA ARG B 55 -0.34 -1.36 -17.61
C ARG B 55 0.66 -1.03 -16.51
N CYS B 56 0.17 -0.83 -15.30
CA CYS B 56 0.98 -0.49 -14.14
C CYS B 56 1.01 -1.65 -13.14
N ASN B 57 1.64 -1.41 -12.00
CA ASN B 57 1.95 -2.45 -11.03
C ASN B 57 1.51 -2.03 -9.62
N CYS B 58 0.27 -1.56 -9.48
CA CYS B 58 -0.27 -1.35 -8.14
C CYS B 58 -0.63 -2.67 -7.49
N GLN B 59 -0.37 -2.78 -6.18
CA GLN B 59 -0.77 -3.92 -5.39
C GLN B 59 -1.95 -3.61 -4.48
N THR B 60 -2.53 -2.41 -4.58
CA THR B 60 -3.69 -2.04 -3.81
C THR B 60 -4.73 -1.39 -4.72
N GLY B 61 -5.97 -1.87 -4.63
CA GLY B 61 -7.04 -1.33 -5.43
C GLY B 61 -8.38 -1.44 -4.75
N VAL B 62 -9.47 -1.37 -5.52
CA VAL B 62 -10.82 -1.49 -5.00
C VAL B 62 -11.56 -2.53 -5.83
N TYR B 63 -12.24 -3.46 -5.16
CA TYR B 63 -13.01 -4.50 -5.83
C TYR B 63 -14.45 -4.48 -5.35
N TYR B 64 -15.36 -4.89 -6.23
CA TYR B 64 -16.80 -4.91 -5.93
C TYR B 64 -17.18 -6.28 -5.39
N CYS B 65 -17.67 -6.30 -4.14
CA CYS B 65 -18.16 -7.53 -3.50
C CYS B 65 -19.64 -7.70 -3.80
N ASN B 66 -19.94 -8.48 -4.85
CA ASN B 66 -21.31 -8.63 -5.33
C ASN B 66 -22.24 -9.11 -4.23
N SER B 67 -21.75 -9.93 -3.29
CA SER B 67 -22.58 -10.38 -2.17
C SER B 67 -23.03 -9.21 -1.30
N ARG B 68 -22.22 -8.16 -1.20
CA ARG B 68 -22.55 -7.00 -0.39
C ARG B 68 -23.10 -5.83 -1.20
N ARG B 69 -23.08 -5.91 -2.52
CA ARG B 69 -23.49 -4.83 -3.41
C ARG B 69 -22.71 -3.55 -3.14
N LYS B 70 -21.45 -3.70 -2.72
CA LYS B 70 -20.56 -2.59 -2.47
C LYS B 70 -19.22 -2.89 -3.11
N HIS B 71 -18.27 -1.99 -2.91
CA HIS B 71 -16.89 -2.18 -3.32
C HIS B 71 -15.97 -1.96 -2.12
N TYR B 72 -14.90 -2.76 -2.04
CA TYR B 72 -13.99 -2.68 -0.92
C TYR B 72 -12.55 -2.44 -1.40
N PRO B 73 -11.77 -1.66 -0.67
CA PRO B 73 -10.33 -1.59 -0.95
C PRO B 73 -9.57 -2.75 -0.31
N VAL B 74 -8.62 -3.31 -1.07
CA VAL B 74 -7.89 -4.49 -0.63
C VAL B 74 -6.47 -4.41 -1.16
N SER B 75 -5.54 -4.99 -0.41
CA SER B 75 -4.14 -5.12 -0.79
C SER B 75 -3.88 -6.57 -1.21
N PHE B 76 -3.44 -6.76 -2.44
CA PHE B 76 -3.30 -8.09 -3.01
C PHE B 76 -1.84 -8.38 -3.36
N SER B 77 -1.50 -9.66 -3.34
CA SER B 77 -0.16 -10.14 -3.67
C SER B 77 0.06 -10.09 -5.18
N LYS B 78 1.32 -10.27 -5.58
CA LYS B 78 1.69 -10.21 -6.98
C LYS B 78 1.14 -11.43 -7.72
N PRO B 79 1.01 -11.33 -9.05
CA PRO B 79 0.55 -12.50 -9.83
C PRO B 79 1.44 -13.71 -9.61
N SER B 80 0.83 -14.78 -9.13
CA SER B 80 1.55 -16.01 -8.82
C SER B 80 0.59 -17.18 -8.95
N LEU B 81 1.15 -18.39 -8.97
CA LEU B 81 0.38 -19.61 -9.11
C LEU B 81 0.02 -20.18 -7.73
N ILE B 82 -1.28 -20.30 -7.45
CA ILE B 82 -1.78 -20.73 -6.15
C ILE B 82 -2.70 -21.92 -6.34
N TYR B 83 -2.58 -22.91 -5.45
CA TYR B 83 -3.51 -24.03 -5.40
C TYR B 83 -4.92 -23.53 -5.14
N VAL B 84 -5.88 -24.08 -5.87
CA VAL B 84 -7.28 -23.72 -5.72
C VAL B 84 -8.08 -24.99 -5.43
N GLU B 85 -8.85 -24.95 -4.35
CA GLU B 85 -9.62 -26.11 -3.92
C GLU B 85 -10.81 -26.35 -4.85
N ALA B 86 -11.15 -27.63 -5.01
CA ALA B 86 -12.19 -28.02 -5.97
C ALA B 86 -13.56 -27.50 -5.55
N SER B 87 -14.33 -27.05 -6.53
CA SER B 87 -15.68 -26.54 -6.26
C SER B 87 -16.68 -27.13 -7.24
N GLU B 88 -17.91 -26.63 -7.23
CA GLU B 88 -18.94 -27.18 -8.10
C GLU B 88 -18.72 -26.87 -9.57
N TYR B 89 -17.80 -25.96 -9.89
CA TYR B 89 -17.62 -25.49 -11.25
C TYR B 89 -16.26 -25.84 -11.83
N TYR B 90 -15.18 -25.69 -11.06
CA TYR B 90 -13.85 -26.07 -11.50
C TYR B 90 -13.25 -27.08 -10.53
N PRO B 91 -12.88 -28.27 -10.97
CA PRO B 91 -12.12 -29.17 -10.10
C PRO B 91 -10.74 -28.61 -9.81
N ALA B 92 -10.21 -28.96 -8.65
CA ALA B 92 -8.91 -28.46 -8.20
C ALA B 92 -7.82 -28.73 -9.22
N ARG B 93 -7.26 -27.66 -9.80
CA ARG B 93 -6.18 -27.81 -10.76
C ARG B 93 -5.33 -26.54 -10.75
N TYR B 94 -4.23 -26.59 -11.51
CA TYR B 94 -3.31 -25.47 -11.57
C TYR B 94 -4.01 -24.21 -12.07
N GLN B 95 -3.79 -23.11 -11.37
CA GLN B 95 -4.42 -21.82 -11.68
C GLN B 95 -3.36 -20.74 -11.64
N SER B 96 -2.98 -20.23 -12.81
CA SER B 96 -1.94 -19.21 -12.89
C SER B 96 -2.52 -17.80 -12.87
N HIS B 97 -1.64 -16.83 -12.66
CA HIS B 97 -1.98 -15.41 -12.68
C HIS B 97 -3.12 -15.11 -11.70
N LEU B 98 -3.04 -15.69 -10.51
CA LEU B 98 -4.07 -15.55 -9.49
C LEU B 98 -3.56 -14.67 -8.36
N MET B 99 -4.07 -13.44 -8.28
CA MET B 99 -3.74 -12.54 -7.18
C MET B 99 -4.55 -12.95 -5.95
N LEU B 100 -3.88 -13.09 -4.82
CA LEU B 100 -4.52 -13.56 -3.60
C LEU B 100 -4.53 -12.45 -2.56
N ALA B 101 -5.67 -12.27 -1.91
CA ALA B 101 -5.83 -11.24 -0.89
C ALA B 101 -6.99 -11.61 0.02
N GLN B 102 -7.07 -10.90 1.14
CA GLN B 102 -8.12 -11.11 2.13
C GLN B 102 -9.35 -10.28 1.78
N GLY B 103 -10.53 -10.90 1.89
CA GLY B 103 -11.75 -10.20 1.57
C GLY B 103 -12.94 -11.13 1.65
N HIS B 104 -14.10 -10.59 1.24
CA HIS B 104 -15.36 -11.33 1.21
C HIS B 104 -15.59 -11.83 -0.21
N SER B 105 -15.73 -13.14 -0.36
CA SER B 105 -15.98 -13.73 -1.67
C SER B 105 -16.73 -15.04 -1.49
N GLU B 106 -18.02 -15.03 -1.82
CA GLU B 106 -18.86 -16.20 -1.68
CA GLU B 106 -18.86 -16.20 -1.68
C GLU B 106 -19.33 -16.64 -3.06
N PRO B 107 -20.02 -17.78 -3.20
CA PRO B 107 -20.50 -18.17 -4.54
C PRO B 107 -21.34 -17.09 -5.20
N GLY B 108 -21.07 -16.85 -6.47
CA GLY B 108 -21.70 -15.79 -7.23
C GLY B 108 -20.99 -14.44 -7.18
N ASP B 109 -19.99 -14.27 -6.32
CA ASP B 109 -19.26 -13.02 -6.28
C ASP B 109 -18.41 -12.83 -7.54
N ALA B 110 -18.11 -13.92 -8.25
CA ALA B 110 -17.23 -13.86 -9.41
C ALA B 110 -17.74 -12.88 -10.46
N GLY B 111 -16.81 -12.10 -11.01
CA GLY B 111 -17.10 -11.09 -12.01
C GLY B 111 -16.84 -9.66 -11.56
N GLY B 112 -16.74 -9.41 -10.25
CA GLY B 112 -16.43 -8.08 -9.78
C GLY B 112 -15.09 -7.59 -10.28
N ILE B 113 -15.05 -6.34 -10.76
CA ILE B 113 -13.82 -5.75 -11.26
C ILE B 113 -13.10 -5.02 -10.14
N LEU B 114 -11.81 -5.33 -9.96
CA LEU B 114 -10.99 -4.62 -9.00
C LEU B 114 -10.23 -3.54 -9.77
N ARG B 115 -10.26 -2.31 -9.27
CA ARG B 115 -9.80 -1.14 -10.01
C ARG B 115 -8.79 -0.34 -9.21
N CYS B 116 -7.71 0.09 -9.87
CA CYS B 116 -6.72 0.99 -9.28
C CYS B 116 -6.67 2.28 -10.09
N GLN B 117 -5.67 3.11 -9.79
CA GLN B 117 -5.58 4.43 -10.40
C GLN B 117 -5.49 4.38 -11.92
N HIS B 118 -4.68 3.47 -12.46
CA HIS B 118 -4.43 3.47 -13.90
C HIS B 118 -5.47 2.70 -14.70
N GLY B 119 -6.31 1.90 -14.06
CA GLY B 119 -7.34 1.18 -14.78
C GLY B 119 -7.54 -0.18 -14.19
N VAL B 120 -8.07 -1.08 -15.02
CA VAL B 120 -8.40 -2.43 -14.61
C VAL B 120 -7.14 -3.29 -14.55
N VAL B 121 -7.00 -4.07 -13.49
CA VAL B 121 -5.87 -4.98 -13.32
C VAL B 121 -6.29 -6.43 -13.56
N GLY B 122 -7.36 -6.87 -12.91
CA GLY B 122 -7.86 -8.22 -13.05
C GLY B 122 -9.30 -8.32 -12.59
N ILE B 123 -9.78 -9.56 -12.46
CA ILE B 123 -11.16 -9.82 -12.08
C ILE B 123 -11.19 -10.87 -10.98
N VAL B 124 -12.13 -10.72 -10.05
CA VAL B 124 -12.31 -11.70 -8.98
C VAL B 124 -12.68 -13.06 -9.57
N SER B 125 -11.92 -14.08 -9.22
CA SER B 125 -12.10 -15.40 -9.79
C SER B 125 -12.42 -16.48 -8.76
N THR B 126 -11.76 -16.46 -7.60
CA THR B 126 -11.96 -17.49 -6.60
C THR B 126 -12.16 -16.86 -5.23
N GLY B 127 -12.80 -17.63 -4.34
CA GLY B 127 -13.06 -17.17 -2.99
C GLY B 127 -13.21 -18.35 -2.05
N GLY B 128 -13.23 -18.04 -0.76
CA GLY B 128 -13.35 -19.06 0.27
C GLY B 128 -12.26 -18.96 1.34
N ASN B 129 -12.63 -19.39 2.55
CA ASN B 129 -11.74 -19.35 3.72
C ASN B 129 -11.25 -17.94 4.03
N GLY B 130 -12.04 -16.94 3.64
CA GLY B 130 -11.63 -15.56 3.84
C GLY B 130 -10.57 -15.07 2.90
N LEU B 131 -10.37 -15.74 1.76
CA LEU B 131 -9.39 -15.36 0.77
C LEU B 131 -10.09 -15.06 -0.54
N VAL B 132 -9.56 -14.10 -1.29
CA VAL B 132 -10.13 -13.69 -2.56
C VAL B 132 -9.07 -13.76 -3.65
N GLY B 133 -9.40 -14.43 -4.75
CA GLY B 133 -8.48 -14.56 -5.87
C GLY B 133 -8.80 -13.72 -7.10
N PHE B 134 -7.89 -12.85 -7.51
CA PHE B 134 -8.09 -12.04 -8.70
C PHE B 134 -7.26 -12.59 -9.85
N ALA B 135 -7.89 -12.81 -11.00
CA ALA B 135 -7.20 -13.26 -12.20
C ALA B 135 -6.68 -12.05 -12.99
N ASP B 136 -5.38 -12.01 -13.24
CA ASP B 136 -4.77 -10.89 -13.95
C ASP B 136 -5.25 -10.82 -15.40
N VAL B 137 -5.31 -9.59 -15.92
CA VAL B 137 -5.60 -9.34 -17.33
C VAL B 137 -4.59 -8.40 -17.95
N ARG B 138 -3.60 -7.91 -17.20
CA ARG B 138 -2.63 -6.98 -17.77
C ARG B 138 -1.64 -7.66 -18.70
N ASP B 139 -1.41 -8.97 -18.53
CA ASP B 139 -0.34 -9.64 -19.27
C ASP B 139 -0.60 -9.62 -20.77
N LEU B 140 -1.84 -9.85 -21.18
CA LEU B 140 -2.20 -9.98 -22.60
C LEU B 140 -2.27 -8.56 -23.17
N LEU B 141 -1.13 -8.11 -23.70
CA LEU B 141 -1.06 -6.80 -24.36
C LEU B 141 -1.87 -6.73 -25.64
N TRP B 142 -2.20 -7.87 -26.24
CA TRP B 142 -3.00 -7.88 -27.47
C TRP B 142 -4.36 -7.23 -27.25
N LEU B 143 -4.84 -7.19 -26.00
CA LEU B 143 -6.13 -6.62 -25.65
C LEU B 143 -6.04 -5.10 -25.65
N ASP B 144 -6.00 -4.51 -26.84
CA ASP B 144 -5.96 -3.06 -26.99
C ASP B 144 -6.65 -2.69 -28.29
N GLU B 145 -6.82 -1.39 -28.50
CA GLU B 145 -7.47 -0.91 -29.72
C GLU B 145 -6.65 -1.31 -30.93
N GLU B 146 -7.33 -1.64 -32.02
CA GLU B 146 -6.68 -2.05 -33.25
C GLU B 146 -6.37 -0.86 -34.15
ZN ZN C . -2.54 1.22 -10.93
#